data_5M53
#
_entry.id   5M53
#
_cell.length_a   56.416
_cell.length_b   73.491
_cell.length_c   74.435
_cell.angle_alpha   90.00
_cell.angle_beta   90.00
_cell.angle_gamma   90.00
#
_symmetry.space_group_name_H-M   'P 21 21 21'
#
loop_
_entity.id
_entity.type
_entity.pdbx_description
1 polymer 'Serine/threonine-protein kinase Nek2'
2 non-polymer 3-[[6-(cyclohexylmethoxy)-7~{H}-purin-2-yl]amino]-~{N},~{N}-dimethyl-benzamide
3 non-polymer DI(HYDROXYETHYL)ETHER
4 non-polymer 1,2-ETHANEDIOL
5 non-polymer 'PHOSPHATE ION'
6 water water
#
_entity_poly.entity_id   1
_entity_poly.type   'polypeptide(L)'
_entity_poly.pdbx_seq_one_letter_code
;MPSRAEDYEVLYTIGTGSYGRCQKIRRKSDGKILVWKELDYGSMTEAEKQMLVSEVNLLRELKHPNIVRYYDRIIDRTNT
TLYIVMEYCEGGDLASVITKGTKERQYLDEEFVLRVMTQLTLALKECHRRSDGGHTVLHRDLKPANVFLDGKQNVKLGDF
GLARILNHDTSFAKAFVGTPYYMSPEQMNRMSYNEKSDIWSLGCLLYELCALMPPFTAFSQKELAGKIREGKFRRIPYRY
SDELNEIITRMLNLKDYHRPSVEEILENPLILEHHHHHH
;
_entity_poly.pdbx_strand_id   A
#
loop_
_chem_comp.id
_chem_comp.type
_chem_comp.name
_chem_comp.formula
7GJ non-polymer 3-[[6-(cyclohexylmethoxy)-7~{H}-purin-2-yl]amino]-~{N},~{N}-dimethyl-benzamide 'C21 H26 N6 O2'
EDO non-polymer 1,2-ETHANEDIOL 'C2 H6 O2'
PEG non-polymer DI(HYDROXYETHYL)ETHER 'C4 H10 O3'
PO4 non-polymer 'PHOSPHATE ION' 'O4 P -3'
#
# COMPACT_ATOMS: atom_id res chain seq x y z
N ASP A 7 -16.46 14.04 19.96
CA ASP A 7 -17.35 13.22 19.14
C ASP A 7 -17.38 13.82 17.74
N TYR A 8 -17.98 13.10 16.79
CA TYR A 8 -17.96 13.44 15.36
C TYR A 8 -19.32 13.33 14.69
N GLU A 9 -19.41 13.84 13.47
CA GLU A 9 -20.62 13.70 12.66
C GLU A 9 -20.36 12.91 11.39
N VAL A 10 -21.21 11.91 11.11
CA VAL A 10 -21.08 11.11 9.91
C VAL A 10 -21.63 11.82 8.67
N LEU A 11 -20.79 12.00 7.66
CA LEU A 11 -21.25 12.59 6.40
C LEU A 11 -21.85 11.53 5.49
N TYR A 12 -21.09 10.46 5.25
CA TYR A 12 -21.57 9.32 4.47
C TYR A 12 -20.57 8.18 4.54
N THR A 13 -20.99 7.04 4.03
CA THR A 13 -20.13 5.87 3.94
C THR A 13 -19.35 5.93 2.63
N ILE A 14 -18.02 5.90 2.73
CA ILE A 14 -17.19 5.90 1.54
C ILE A 14 -17.24 4.53 0.89
N GLY A 15 -17.11 3.49 1.70
CA GLY A 15 -17.18 2.11 1.24
C GLY A 15 -16.87 1.11 2.34
N THR A 16 -16.75 -0.16 1.97
CA THR A 16 -16.47 -1.20 2.93
C THR A 16 -15.19 -1.96 2.57
N GLY A 17 -14.20 -1.93 3.46
CA GLY A 17 -12.98 -2.69 3.25
C GLY A 17 -13.05 -4.05 3.92
N SER A 18 -12.00 -4.84 3.80
CA SER A 18 -11.98 -6.18 4.39
C SER A 18 -11.97 -6.12 5.93
N TYR A 19 -11.59 -4.97 6.46
CA TYR A 19 -11.51 -4.77 7.92
C TYR A 19 -12.84 -4.26 8.48
N GLY A 20 -13.74 -3.86 7.60
CA GLY A 20 -14.97 -3.21 8.03
C GLY A 20 -15.27 -1.95 7.22
N ARG A 21 -16.31 -1.24 7.65
CA ARG A 21 -16.77 -0.04 6.96
C ARG A 21 -15.85 1.16 7.21
N CYS A 22 -15.78 2.05 6.23
CA CYS A 22 -15.06 3.32 6.35
C CYS A 22 -16.02 4.46 6.01
N GLN A 23 -16.11 5.44 6.91
CA GLN A 23 -17.04 6.55 6.72
C GLN A 23 -16.29 7.88 6.70
N LYS A 24 -16.75 8.79 5.84
CA LYS A 24 -16.28 10.17 5.90
C LYS A 24 -17.00 10.86 7.05
N ILE A 25 -16.23 11.52 7.92
CA ILE A 25 -16.79 12.16 9.12
C ILE A 25 -16.29 13.58 9.22
N ARG A 26 -16.83 14.33 10.19
CA ARG A 26 -16.46 15.73 10.37
C ARG A 26 -16.45 16.07 11.86
N ARG A 27 -15.34 16.63 12.34
CA ARG A 27 -15.27 17.05 13.75
C ARG A 27 -15.47 18.56 13.91
N GLY A 31 -14.62 22.09 12.24
CA GLY A 31 -15.19 21.22 11.23
C GLY A 31 -14.12 20.56 10.40
N LYS A 32 -13.26 19.79 11.07
CA LYS A 32 -12.18 19.08 10.37
C LYS A 32 -12.68 17.76 9.77
N ILE A 33 -12.48 17.59 8.48
CA ILE A 33 -12.89 16.38 7.78
C ILE A 33 -11.90 15.24 8.01
N LEU A 34 -12.43 14.08 8.41
CA LEU A 34 -11.62 12.90 8.69
C LEU A 34 -12.37 11.67 8.20
N VAL A 35 -11.80 10.50 8.47
CA VAL A 35 -12.53 9.25 8.28
C VAL A 35 -12.38 8.44 9.55
N TRP A 36 -13.27 7.47 9.76
CA TRP A 36 -12.98 6.49 10.77
C TRP A 36 -13.15 5.11 10.17
N LYS A 37 -12.35 4.16 10.68
CA LYS A 37 -12.48 2.75 10.31
C LYS A 37 -13.24 2.03 11.42
N GLU A 38 -14.31 1.33 11.04
CA GLU A 38 -15.18 0.65 11.99
C GLU A 38 -14.76 -0.79 12.20
N LEU A 39 -14.04 -1.04 13.29
CA LEU A 39 -13.56 -2.38 13.59
C LEU A 39 -14.46 -3.03 14.63
N ASP A 40 -15.25 -4.00 14.18
CA ASP A 40 -16.25 -4.65 15.01
C ASP A 40 -15.65 -5.79 15.83
N TYR A 41 -15.52 -5.60 17.14
CA TYR A 41 -14.92 -6.63 17.99
C TYR A 41 -15.95 -7.52 18.65
N GLY A 42 -17.20 -7.43 18.18
CA GLY A 42 -18.30 -8.10 18.84
C GLY A 42 -18.44 -9.61 18.74
N SER A 43 -17.85 -10.19 17.69
CA SER A 43 -17.91 -11.63 17.52
C SER A 43 -16.66 -12.29 18.09
N MET A 44 -15.77 -11.45 18.61
CA MET A 44 -14.46 -11.92 19.06
C MET A 44 -14.48 -12.50 20.48
N THR A 45 -13.62 -13.47 20.71
CA THR A 45 -13.31 -13.94 22.06
C THR A 45 -12.45 -12.91 22.78
N GLU A 46 -12.25 -13.13 24.07
CA GLU A 46 -11.35 -12.26 24.84
C GLU A 46 -9.96 -12.25 24.19
N ALA A 47 -9.48 -13.42 23.79
CA ALA A 47 -8.17 -13.56 23.17
C ALA A 47 -8.06 -12.78 21.85
N GLU A 48 -9.04 -12.95 20.97
CA GLU A 48 -9.05 -12.27 19.69
C GLU A 48 -9.09 -10.74 19.87
N LYS A 49 -9.92 -10.26 20.79
CA LYS A 49 -10.01 -8.82 21.05
C LYS A 49 -8.64 -8.30 21.48
N GLN A 50 -7.93 -9.10 22.28
CA GLN A 50 -6.60 -8.73 22.78
C GLN A 50 -5.59 -8.58 21.64
N MET A 51 -5.65 -9.48 20.67
CA MET A 51 -4.80 -9.38 19.49
C MET A 51 -5.10 -8.09 18.72
N LEU A 52 -6.40 -7.80 18.57
CA LEU A 52 -6.83 -6.59 17.87
C LEU A 52 -6.25 -5.34 18.50
N VAL A 53 -6.34 -5.25 19.82
CA VAL A 53 -5.78 -4.15 20.58
C VAL A 53 -4.29 -4.01 20.30
N SER A 54 -3.59 -5.14 20.28
CA SER A 54 -2.15 -5.15 20.04
C SER A 54 -1.79 -4.60 18.67
N GLU A 55 -2.50 -5.07 17.64
CA GLU A 55 -2.20 -4.62 16.28
C GLU A 55 -2.50 -3.13 16.11
N VAL A 56 -3.67 -2.72 16.59
CA VAL A 56 -4.07 -1.33 16.51
C VAL A 56 -3.10 -0.42 17.28
N ASN A 57 -2.64 -0.87 18.44
CA ASN A 57 -1.66 -0.11 19.20
C ASN A 57 -0.33 -0.02 18.46
N LEU A 58 0.04 -1.09 17.77
CA LEU A 58 1.27 -1.10 16.96
C LEU A 58 1.14 -0.07 15.84
N LEU A 59 0.09 -0.20 15.04
CA LEU A 59 -0.11 0.67 13.89
C LEU A 59 -0.32 2.13 14.27
N ARG A 60 -0.94 2.36 15.42
CA ARG A 60 -1.18 3.69 15.98
C ARG A 60 0.09 4.53 16.12
N GLU A 61 1.22 3.87 16.35
CA GLU A 61 2.47 4.59 16.59
C GLU A 61 3.11 5.17 15.33
N LEU A 62 2.78 4.61 14.17
CA LEU A 62 3.44 5.04 12.93
C LEU A 62 3.17 6.51 12.63
N LYS A 63 4.22 7.26 12.34
CA LYS A 63 4.05 8.67 12.00
C LYS A 63 4.97 9.01 10.84
N HIS A 64 4.39 9.49 9.75
CA HIS A 64 5.17 9.83 8.55
C HIS A 64 4.29 10.62 7.59
N PRO A 65 4.89 11.62 6.91
CA PRO A 65 4.10 12.45 5.99
C PRO A 65 3.48 11.64 4.86
N ASN A 66 4.02 10.46 4.58
CA ASN A 66 3.46 9.62 3.52
C ASN A 66 2.76 8.35 4.05
N ILE A 67 2.38 8.39 5.31
CA ILE A 67 1.53 7.36 5.90
C ILE A 67 0.26 8.04 6.42
N VAL A 68 -0.90 7.45 6.15
CA VAL A 68 -2.17 8.04 6.60
C VAL A 68 -2.08 8.29 8.10
N ARG A 69 -2.34 9.53 8.52
CA ARG A 69 -2.11 9.88 9.93
C ARG A 69 -3.21 9.36 10.85
N TYR A 70 -2.78 8.75 11.96
CA TYR A 70 -3.69 8.35 13.03
C TYR A 70 -4.06 9.59 13.83
N TYR A 71 -5.30 9.66 14.29
CA TYR A 71 -5.72 10.82 15.05
C TYR A 71 -6.23 10.43 16.43
N ASP A 72 -7.06 9.39 16.47
CA ASP A 72 -7.78 9.05 17.70
C ASP A 72 -8.42 7.68 17.57
N ARG A 73 -8.90 7.18 18.70
CA ARG A 73 -9.66 5.95 18.75
C ARG A 73 -10.93 6.22 19.56
N ILE A 74 -12.02 5.58 19.15
CA ILE A 74 -13.25 5.66 19.93
C ILE A 74 -13.69 4.24 20.25
N ILE A 75 -13.84 3.96 21.54
CA ILE A 75 -14.40 2.68 21.98
C ILE A 75 -15.89 2.86 22.18
N ASP A 76 -16.69 2.26 21.31
CA ASP A 76 -18.14 2.34 21.48
C ASP A 76 -18.68 0.98 21.90
N ARG A 77 -18.95 0.85 23.20
CA ARG A 77 -19.33 -0.43 23.76
C ARG A 77 -20.72 -0.85 23.31
N THR A 78 -21.63 0.10 23.16
CA THR A 78 -22.98 -0.24 22.70
C THR A 78 -22.94 -0.86 21.30
N ASN A 79 -22.12 -0.29 20.42
CA ASN A 79 -21.98 -0.82 19.05
C ASN A 79 -20.88 -1.85 18.95
N THR A 80 -20.17 -2.09 20.06
CA THR A 80 -19.26 -3.20 20.06
C THR A 80 -18.19 -2.95 18.96
N THR A 81 -17.84 -1.67 18.83
CA THR A 81 -17.02 -1.23 17.71
C THR A 81 -15.91 -0.29 18.16
N LEU A 82 -14.72 -0.57 17.66
CA LEU A 82 -13.60 0.32 17.79
C LEU A 82 -13.54 1.21 16.54
N TYR A 83 -13.75 2.51 16.71
CA TYR A 83 -13.64 3.46 15.60
C TYR A 83 -12.25 4.07 15.55
N ILE A 84 -11.54 3.86 14.45
CA ILE A 84 -10.20 4.42 14.34
C ILE A 84 -10.24 5.63 13.44
N VAL A 85 -10.05 6.80 14.06
CA VAL A 85 -10.14 8.09 13.38
C VAL A 85 -8.82 8.46 12.70
N MET A 86 -8.90 8.68 11.39
CA MET A 86 -7.72 8.94 10.58
C MET A 86 -7.90 10.05 9.55
N GLU A 87 -6.75 10.51 9.06
CA GLU A 87 -6.64 11.47 7.99
C GLU A 87 -7.56 11.12 6.82
N TYR A 88 -8.29 12.11 6.32
CA TYR A 88 -9.03 11.97 5.08
C TYR A 88 -8.11 12.37 3.94
N CYS A 89 -8.11 11.60 2.85
CA CYS A 89 -7.24 11.90 1.73
C CYS A 89 -8.06 12.34 0.53
N GLU A 90 -8.10 13.65 0.33
CA GLU A 90 -8.95 14.29 -0.67
C GLU A 90 -8.75 13.77 -2.10
N GLY A 91 -7.54 13.35 -2.44
CA GLY A 91 -7.26 12.90 -3.80
C GLY A 91 -7.72 11.50 -4.20
N GLY A 92 -8.30 10.74 -3.28
CA GLY A 92 -8.74 9.39 -3.61
C GLY A 92 -7.60 8.39 -3.57
N ASP A 93 -7.72 7.28 -4.31
CA ASP A 93 -6.69 6.24 -4.31
C ASP A 93 -5.91 6.18 -5.64
N LEU A 94 -4.78 5.48 -5.62
CA LEU A 94 -3.97 5.30 -6.83
C LEU A 94 -4.68 4.43 -7.87
N ALA A 95 -5.56 3.53 -7.41
CA ALA A 95 -6.29 2.68 -8.34
C ALA A 95 -7.06 3.51 -9.38
N SER A 96 -7.67 4.59 -8.93
CA SER A 96 -8.48 5.44 -9.79
C SER A 96 -7.62 6.22 -10.77
N VAL A 97 -6.41 6.58 -10.34
CA VAL A 97 -5.43 7.19 -11.24
C VAL A 97 -5.11 6.25 -12.39
N ILE A 98 -4.91 4.98 -12.05
CA ILE A 98 -4.57 3.97 -13.04
C ILE A 98 -5.73 3.77 -14.03
N THR A 99 -6.94 3.62 -13.51
CA THR A 99 -8.11 3.46 -14.39
C THR A 99 -8.33 4.72 -15.26
N LYS A 100 -8.02 5.89 -14.69
CA LYS A 100 -8.10 7.14 -15.45
C LYS A 100 -7.11 7.14 -16.62
N GLY A 101 -5.88 6.71 -16.37
CA GLY A 101 -4.89 6.65 -17.45
C GLY A 101 -5.36 5.73 -18.58
N THR A 102 -5.94 4.60 -18.20
CA THR A 102 -6.44 3.65 -19.17
C THR A 102 -7.53 4.29 -20.04
N LYS A 103 -8.49 4.95 -19.38
CA LYS A 103 -9.59 5.58 -20.10
C LYS A 103 -9.12 6.71 -21.02
N GLU A 104 -8.17 7.52 -20.56
CA GLU A 104 -7.67 8.63 -21.37
C GLU A 104 -6.64 8.20 -22.41
N ARG A 105 -6.22 6.94 -22.36
CA ARG A 105 -5.08 6.47 -23.15
C ARG A 105 -3.88 7.38 -22.97
N GLN A 106 -3.59 7.72 -21.71
CA GLN A 106 -2.43 8.52 -21.37
C GLN A 106 -1.63 7.83 -20.25
N TYR A 107 -0.42 7.40 -20.57
CA TYR A 107 0.50 6.92 -19.54
C TYR A 107 0.86 8.03 -18.56
N LEU A 108 1.15 7.66 -17.32
CA LEU A 108 1.63 8.62 -16.33
C LEU A 108 3.05 9.09 -16.67
N ASP A 109 3.34 10.36 -16.40
CA ASP A 109 4.69 10.87 -16.63
C ASP A 109 5.69 10.15 -15.74
N GLU A 110 6.94 9.97 -16.22
CA GLU A 110 7.95 9.29 -15.40
C GLU A 110 8.16 10.04 -14.08
N GLU A 111 8.06 11.37 -14.14
CA GLU A 111 8.22 12.19 -12.93
C GLU A 111 7.22 11.80 -11.85
N PHE A 112 5.97 11.59 -12.24
CA PHE A 112 4.95 11.20 -11.27
C PHE A 112 5.22 9.81 -10.71
N VAL A 113 5.61 8.88 -11.57
CA VAL A 113 5.98 7.54 -11.12
C VAL A 113 7.13 7.56 -10.12
N LEU A 114 8.12 8.42 -10.36
CA LEU A 114 9.26 8.54 -9.45
C LEU A 114 8.84 9.12 -8.10
N ARG A 115 7.89 10.04 -8.12
CA ARG A 115 7.34 10.58 -6.86
CA ARG A 115 7.36 10.58 -6.85
C ARG A 115 6.63 9.49 -6.07
N VAL A 116 5.80 8.72 -6.74
CA VAL A 116 5.13 7.62 -6.07
C VAL A 116 6.12 6.58 -5.52
N MET A 117 7.08 6.18 -6.33
CA MET A 117 8.08 5.20 -5.87
C MET A 117 8.85 5.77 -4.68
N THR A 118 9.27 7.03 -4.79
CA THR A 118 10.05 7.61 -3.69
C THR A 118 9.23 7.67 -2.39
N GLN A 119 8.04 8.27 -2.46
CA GLN A 119 7.20 8.44 -1.25
C GLN A 119 6.72 7.12 -0.63
N LEU A 120 6.34 6.14 -1.45
CA LEU A 120 5.93 4.86 -0.90
C LEU A 120 7.11 4.18 -0.24
N THR A 121 8.30 4.38 -0.81
CA THR A 121 9.47 3.70 -0.26
C THR A 121 9.87 4.35 1.06
N LEU A 122 9.69 5.67 1.16
CA LEU A 122 9.89 6.38 2.43
C LEU A 122 8.91 5.89 3.50
N ALA A 123 7.64 5.75 3.11
CA ALA A 123 6.60 5.22 4.00
C ALA A 123 6.98 3.84 4.53
N LEU A 124 7.33 2.93 3.61
CA LEU A 124 7.75 1.58 4.00
C LEU A 124 9.04 1.61 4.81
N LYS A 125 9.91 2.55 4.52
CA LYS A 125 11.15 2.66 5.30
C LYS A 125 10.82 2.93 6.76
N GLU A 126 9.86 3.80 7.02
CA GLU A 126 9.47 4.09 8.40
C GLU A 126 8.92 2.83 9.07
N CYS A 127 8.21 2.00 8.29
CA CYS A 127 7.65 0.75 8.80
C CYS A 127 8.72 -0.32 9.07
N HIS A 128 9.53 -0.59 8.05
CA HIS A 128 10.60 -1.59 8.12
C HIS A 128 11.74 -1.16 9.06
N ARG A 129 12.02 0.15 9.08
CA ARG A 129 13.11 0.71 9.88
C ARG A 129 12.61 1.86 10.76
N ARG A 130 11.86 1.51 11.80
CA ARG A 130 11.26 2.49 12.72
C ARG A 130 12.23 3.58 13.18
N SER A 131 11.85 4.84 12.96
CA SER A 131 12.69 5.99 13.32
C SER A 131 12.72 6.26 14.82
N ASP A 132 11.94 5.49 15.58
CA ASP A 132 11.65 5.83 16.97
C ASP A 132 11.83 4.65 17.91
N GLY A 133 12.87 3.86 17.66
CA GLY A 133 13.01 2.58 18.35
C GLY A 133 12.00 1.67 17.67
N GLY A 134 10.83 1.48 18.30
CA GLY A 134 9.67 0.87 17.69
C GLY A 134 9.76 -0.51 17.06
N HIS A 135 8.68 -1.28 17.19
CA HIS A 135 8.63 -2.60 16.57
C HIS A 135 8.38 -2.49 15.06
N THR A 136 9.13 -3.26 14.28
CA THR A 136 8.98 -3.33 12.83
C THR A 136 7.53 -3.64 12.42
N VAL A 137 6.99 -2.93 11.44
CA VAL A 137 5.73 -3.36 10.86
C VAL A 137 5.87 -3.56 9.36
N LEU A 138 5.14 -4.56 8.86
CA LEU A 138 5.04 -4.83 7.44
C LEU A 138 3.65 -4.40 7.01
N HIS A 139 3.51 -3.89 5.79
CA HIS A 139 2.20 -3.39 5.40
C HIS A 139 1.22 -4.54 5.15
N ARG A 140 1.66 -5.52 4.36
CA ARG A 140 0.93 -6.78 4.12
C ARG A 140 -0.28 -6.68 3.19
N ASP A 141 -0.63 -5.49 2.73
CA ASP A 141 -1.73 -5.38 1.76
C ASP A 141 -1.46 -4.22 0.81
N LEU A 142 -0.27 -4.21 0.23
CA LEU A 142 0.16 -3.06 -0.57
C LEU A 142 -0.34 -3.22 -2.00
N LYS A 143 -1.31 -2.39 -2.36
CA LYS A 143 -1.91 -2.41 -3.70
C LYS A 143 -2.46 -1.02 -3.96
N PRO A 144 -2.75 -0.67 -5.23
CA PRO A 144 -3.18 0.70 -5.55
C PRO A 144 -4.40 1.18 -4.74
N ALA A 145 -5.29 0.28 -4.36
CA ALA A 145 -6.47 0.66 -3.58
C ALA A 145 -6.13 1.08 -2.14
N ASN A 146 -4.94 0.74 -1.67
CA ASN A 146 -4.51 1.08 -0.31
C ASN A 146 -3.55 2.26 -0.31
N VAL A 147 -3.32 2.83 -1.48
CA VAL A 147 -2.47 3.99 -1.57
C VAL A 147 -3.35 5.19 -1.87
N PHE A 148 -3.40 6.11 -0.91
CA PHE A 148 -4.28 7.27 -1.02
C PHE A 148 -3.47 8.50 -1.39
N LEU A 149 -4.17 9.55 -1.81
CA LEU A 149 -3.54 10.77 -2.31
C LEU A 149 -4.12 12.01 -1.64
N ASP A 150 -3.28 12.96 -1.27
CA ASP A 150 -3.80 14.19 -0.67
C ASP A 150 -4.15 15.14 -1.81
N GLY A 151 -4.45 16.39 -1.46
CA GLY A 151 -4.85 17.37 -2.46
C GLY A 151 -3.79 17.72 -3.48
N LYS A 152 -2.52 17.50 -3.15
CA LYS A 152 -1.42 17.76 -4.08
C LYS A 152 -0.91 16.47 -4.72
N GLN A 153 -1.68 15.41 -4.53
CA GLN A 153 -1.34 14.08 -5.02
C GLN A 153 -0.01 13.61 -4.44
N ASN A 154 0.24 13.96 -3.19
CA ASN A 154 1.26 13.26 -2.40
C ASN A 154 0.70 11.91 -1.95
N VAL A 155 1.58 10.92 -1.85
CA VAL A 155 1.23 9.59 -1.41
C VAL A 155 0.91 9.52 0.08
N LYS A 156 -0.19 8.83 0.41
CA LYS A 156 -0.51 8.51 1.79
C LYS A 156 -0.87 7.02 1.87
N LEU A 157 0.10 6.22 2.30
CA LEU A 157 -0.07 4.79 2.46
C LEU A 157 -0.99 4.45 3.63
N GLY A 158 -2.04 3.67 3.37
CA GLY A 158 -2.99 3.39 4.43
C GLY A 158 -3.53 1.98 4.38
N ASP A 159 -4.55 1.75 5.19
CA ASP A 159 -5.24 0.47 5.28
C ASP A 159 -4.25 -0.68 5.39
N PHE A 160 -3.46 -0.62 6.46
CA PHE A 160 -2.49 -1.67 6.76
C PHE A 160 -3.18 -3.01 6.96
N GLY A 161 -2.55 -4.09 6.47
CA GLY A 161 -3.15 -5.41 6.52
C GLY A 161 -3.22 -5.92 7.95
N LEU A 162 -4.41 -6.29 8.39
CA LEU A 162 -4.61 -6.76 9.76
C LEU A 162 -4.58 -8.29 9.84
N VAL A 177 -9.25 -13.82 -7.18
CA VAL A 177 -8.31 -13.02 -7.93
C VAL A 177 -7.60 -13.84 -9.03
N GLY A 178 -7.04 -13.12 -9.99
CA GLY A 178 -5.99 -13.63 -10.86
C GLY A 178 -4.91 -12.55 -10.91
N THR A 179 -4.65 -11.95 -9.74
CA THR A 179 -3.75 -10.81 -9.64
C THR A 179 -2.53 -11.10 -8.75
N PRO A 180 -1.34 -10.60 -9.15
CA PRO A 180 -0.07 -10.87 -8.47
C PRO A 180 -0.08 -10.39 -7.02
N TYR A 181 -0.84 -9.34 -6.74
CA TYR A 181 -0.83 -8.74 -5.41
C TYR A 181 -1.15 -9.75 -4.31
N TYR A 182 -1.91 -10.78 -4.66
CA TYR A 182 -2.26 -11.78 -3.65
C TYR A 182 -1.56 -13.10 -3.92
N MET A 183 -0.40 -12.99 -4.57
CA MET A 183 0.49 -14.11 -4.74
C MET A 183 1.95 -13.63 -4.83
N SER A 184 2.58 -13.39 -3.68
CA SER A 184 4.03 -13.23 -3.64
C SER A 184 4.69 -14.61 -3.77
N PRO A 185 5.92 -14.67 -4.28
CA PRO A 185 6.66 -15.93 -4.33
C PRO A 185 6.86 -16.55 -2.92
N GLU A 186 6.80 -15.73 -1.87
CA GLU A 186 6.89 -16.27 -0.50
C GLU A 186 5.66 -17.11 -0.18
N GLN A 187 4.48 -16.58 -0.50
CA GLN A 187 3.26 -17.35 -0.37
C GLN A 187 3.38 -18.64 -1.16
N MET A 188 3.77 -18.54 -2.42
CA MET A 188 3.88 -19.72 -3.29
C MET A 188 4.86 -20.76 -2.76
N ASN A 189 5.79 -20.35 -1.91
CA ASN A 189 6.81 -21.27 -1.45
C ASN A 189 6.65 -21.65 0.02
N ARG A 190 5.50 -21.30 0.58
CA ARG A 190 5.25 -21.45 2.01
C ARG A 190 6.39 -20.89 2.86
N MET A 191 6.66 -19.61 2.69
CA MET A 191 7.59 -18.94 3.58
C MET A 191 6.92 -17.67 4.08
N SER A 192 7.30 -17.25 5.29
CA SER A 192 6.58 -16.18 5.96
C SER A 192 6.69 -14.90 5.15
N TYR A 193 5.65 -14.08 5.21
CA TYR A 193 5.65 -12.76 4.59
C TYR A 193 6.73 -11.95 5.27
N ASN A 194 7.65 -11.38 4.49
CA ASN A 194 8.72 -10.57 5.08
C ASN A 194 8.84 -9.20 4.40
N GLU A 195 9.87 -8.43 4.75
CA GLU A 195 9.97 -7.08 4.22
CA GLU A 195 10.03 -7.08 4.22
C GLU A 195 10.13 -7.10 2.69
N LYS A 196 10.78 -8.14 2.15
CA LYS A 196 10.92 -8.26 0.71
C LYS A 196 9.60 -8.64 0.02
N SER A 197 8.67 -9.22 0.79
CA SER A 197 7.31 -9.44 0.29
C SER A 197 6.60 -8.10 0.08
N ASP A 198 6.82 -7.14 0.97
CA ASP A 198 6.33 -5.76 0.74
C ASP A 198 6.94 -5.19 -0.55
N ILE A 199 8.23 -5.46 -0.76
CA ILE A 199 8.93 -4.89 -1.92
C ILE A 199 8.36 -5.51 -3.22
N TRP A 200 8.07 -6.81 -3.20
CA TRP A 200 7.42 -7.46 -4.33
C TRP A 200 6.09 -6.75 -4.71
N SER A 201 5.29 -6.46 -3.70
CA SER A 201 4.03 -5.78 -3.93
C SER A 201 4.25 -4.37 -4.47
N LEU A 202 5.28 -3.70 -3.93
CA LEU A 202 5.64 -2.38 -4.44
C LEU A 202 6.01 -2.47 -5.93
N GLY A 203 6.75 -3.51 -6.27
CA GLY A 203 7.12 -3.76 -7.68
C GLY A 203 5.87 -3.94 -8.55
N CYS A 204 4.93 -4.77 -8.09
CA CYS A 204 3.67 -4.96 -8.81
C CYS A 204 2.93 -3.66 -9.01
N LEU A 205 2.87 -2.86 -7.93
CA LEU A 205 2.14 -1.61 -7.94
C LEU A 205 2.76 -0.59 -8.91
N LEU A 206 4.07 -0.44 -8.83
CA LEU A 206 4.76 0.52 -9.71
C LEU A 206 4.72 0.04 -11.16
N TYR A 207 4.89 -1.26 -11.36
CA TYR A 207 4.72 -1.82 -12.70
C TYR A 207 3.35 -1.45 -13.24
N GLU A 208 2.31 -1.63 -12.42
CA GLU A 208 0.96 -1.38 -12.87
C GLU A 208 0.74 0.10 -13.13
N LEU A 209 1.35 0.96 -12.32
CA LEU A 209 1.28 2.40 -12.56
C LEU A 209 1.85 2.80 -13.95
N CYS A 210 2.94 2.13 -14.36
CA CYS A 210 3.60 2.42 -15.65
C CYS A 210 2.88 1.81 -16.83
N ALA A 211 2.51 0.54 -16.70
CA ALA A 211 1.97 -0.20 -17.85
C ALA A 211 0.45 -0.12 -17.94
N LEU A 212 -0.18 0.35 -16.85
CA LEU A 212 -1.63 0.37 -16.68
C LEU A 212 -2.20 -1.04 -16.72
N MET A 213 -1.36 -2.02 -16.39
CA MET A 213 -1.81 -3.38 -16.16
C MET A 213 -0.77 -4.08 -15.27
N PRO A 214 -1.20 -5.04 -14.46
CA PRO A 214 -0.26 -5.76 -13.59
C PRO A 214 0.72 -6.60 -14.40
N PRO A 215 1.87 -6.98 -13.81
CA PRO A 215 2.87 -7.69 -14.61
C PRO A 215 2.51 -9.15 -14.95
N PHE A 216 1.66 -9.77 -14.14
CA PHE A 216 1.18 -11.13 -14.42
C PHE A 216 -0.34 -11.08 -14.42
N THR A 217 -0.94 -11.64 -15.45
CA THR A 217 -2.39 -11.66 -15.58
C THR A 217 -2.82 -13.08 -15.89
N ALA A 218 -3.96 -13.48 -15.33
CA ALA A 218 -4.49 -14.83 -15.52
C ALA A 218 -5.95 -14.95 -15.07
N PHE A 219 -6.61 -16.03 -15.49
CA PHE A 219 -8.01 -16.27 -15.17
C PHE A 219 -8.18 -17.12 -13.91
N SER A 220 -7.11 -17.80 -13.49
CA SER A 220 -7.16 -18.66 -12.31
C SER A 220 -5.86 -18.55 -11.52
N GLN A 221 -5.89 -18.95 -10.25
CA GLN A 221 -4.67 -18.93 -9.43
C GLN A 221 -3.59 -19.85 -10.02
N LYS A 222 -4.01 -20.98 -10.57
CA LYS A 222 -3.09 -21.95 -11.13
C LYS A 222 -2.34 -21.36 -12.32
N GLU A 223 -3.08 -20.76 -13.24
CA GLU A 223 -2.47 -20.11 -14.39
C GLU A 223 -1.56 -18.97 -13.92
N LEU A 224 -2.05 -18.19 -12.96
CA LEU A 224 -1.27 -17.10 -12.40
C LEU A 224 0.04 -17.59 -11.77
N ALA A 225 -0.06 -18.66 -10.98
CA ALA A 225 1.13 -19.25 -10.34
C ALA A 225 2.14 -19.68 -11.39
N GLY A 226 1.64 -20.27 -12.48
CA GLY A 226 2.49 -20.65 -13.59
C GLY A 226 3.25 -19.45 -14.16
N LYS A 227 2.54 -18.34 -14.38
CA LYS A 227 3.17 -17.17 -14.97
C LYS A 227 4.23 -16.56 -14.05
N ILE A 228 3.89 -16.43 -12.78
CA ILE A 228 4.85 -15.96 -11.79
C ILE A 228 6.07 -16.88 -11.76
N ARG A 229 5.83 -18.18 -11.64
CA ARG A 229 6.93 -19.15 -11.51
CA ARG A 229 6.89 -19.19 -11.55
C ARG A 229 7.91 -19.04 -12.67
N GLU A 230 7.43 -18.62 -13.83
CA GLU A 230 8.32 -18.37 -14.95
C GLU A 230 9.07 -17.04 -14.74
N GLY A 231 8.48 -16.14 -13.93
CA GLY A 231 9.09 -14.85 -13.63
C GLY A 231 9.24 -13.91 -14.81
N LYS A 232 8.48 -14.13 -15.88
CA LYS A 232 8.54 -13.32 -17.08
C LYS A 232 7.34 -12.38 -17.25
N PHE A 233 7.58 -11.22 -17.87
CA PHE A 233 6.59 -10.18 -18.06
C PHE A 233 7.11 -9.18 -19.09
N ARG A 234 6.25 -8.37 -19.68
CA ARG A 234 6.72 -7.39 -20.67
C ARG A 234 7.52 -6.27 -19.99
N ARG A 235 8.40 -5.63 -20.75
CA ARG A 235 9.07 -4.42 -20.25
C ARG A 235 7.96 -3.40 -20.00
N ILE A 236 8.15 -2.51 -19.02
CA ILE A 236 7.27 -1.35 -18.94
C ILE A 236 7.41 -0.55 -20.24
N PRO A 237 6.41 0.30 -20.55
CA PRO A 237 6.43 1.07 -21.81
C PRO A 237 7.72 1.84 -22.05
N TYR A 238 8.10 1.97 -23.33
CA TYR A 238 9.35 2.63 -23.69
C TYR A 238 9.38 4.13 -23.37
N ARG A 239 8.21 4.69 -23.07
CA ARG A 239 8.09 5.97 -22.37
C ARG A 239 9.11 6.10 -21.22
N TYR A 240 9.30 5.00 -20.51
CA TYR A 240 10.07 5.00 -19.28
C TYR A 240 11.51 4.58 -19.48
N SER A 241 12.41 5.30 -18.80
CA SER A 241 13.84 5.08 -18.87
C SER A 241 14.23 3.64 -18.54
N ASP A 242 15.33 3.19 -19.12
CA ASP A 242 15.93 1.90 -18.75
C ASP A 242 16.17 1.78 -17.24
N GLU A 243 16.57 2.88 -16.60
CA GLU A 243 16.86 2.86 -15.17
C GLU A 243 15.62 2.56 -14.32
N LEU A 244 14.48 3.15 -14.69
CA LEU A 244 13.24 2.92 -13.96
C LEU A 244 12.72 1.51 -14.22
N ASN A 245 12.84 1.04 -15.46
CA ASN A 245 12.45 -0.34 -15.74
C ASN A 245 13.25 -1.32 -14.92
N GLU A 246 14.54 -1.05 -14.80
CA GLU A 246 15.43 -1.95 -14.09
C GLU A 246 15.09 -2.02 -12.59
N ILE A 247 14.85 -0.89 -11.94
CA ILE A 247 14.60 -0.95 -10.49
C ILE A 247 13.24 -1.62 -10.21
N ILE A 248 12.21 -1.33 -11.01
CA ILE A 248 10.93 -2.04 -10.85
C ILE A 248 11.10 -3.54 -11.08
N THR A 249 11.80 -3.92 -12.15
CA THR A 249 12.09 -5.33 -12.45
C THR A 249 12.81 -6.01 -11.30
N ARG A 250 13.72 -5.27 -10.67
CA ARG A 250 14.49 -5.83 -9.56
C ARG A 250 13.58 -6.21 -8.39
N MET A 251 12.54 -5.40 -8.18
CA MET A 251 11.60 -5.66 -7.10
C MET A 251 10.78 -6.91 -7.41
N LEU A 252 10.75 -7.30 -8.68
CA LEU A 252 9.98 -8.49 -9.10
C LEU A 252 10.83 -9.75 -9.25
N ASN A 253 12.07 -9.72 -8.77
CA ASN A 253 12.85 -10.95 -8.70
C ASN A 253 12.14 -12.03 -7.88
N LEU A 254 12.22 -13.29 -8.35
CA LEU A 254 11.59 -14.40 -7.63
C LEU A 254 12.22 -14.63 -6.27
N LYS A 255 13.55 -14.55 -6.20
CA LYS A 255 14.27 -14.70 -4.94
C LYS A 255 14.19 -13.40 -4.11
N ASP A 256 13.67 -13.49 -2.89
CA ASP A 256 13.53 -12.29 -2.08
C ASP A 256 14.87 -11.58 -1.85
N TYR A 257 15.94 -12.35 -1.68
CA TYR A 257 17.26 -11.75 -1.47
C TYR A 257 17.83 -11.08 -2.73
N HIS A 258 17.16 -11.20 -3.86
CA HIS A 258 17.57 -10.46 -5.05
C HIS A 258 16.81 -9.14 -5.17
N ARG A 259 15.77 -8.96 -4.35
CA ARG A 259 14.99 -7.72 -4.36
C ARG A 259 15.68 -6.67 -3.51
N PRO A 260 15.61 -5.40 -3.92
CA PRO A 260 16.29 -4.35 -3.16
C PRO A 260 15.57 -4.03 -1.85
N SER A 261 16.30 -3.71 -0.79
CA SER A 261 15.67 -3.16 0.43
C SER A 261 15.19 -1.74 0.17
N VAL A 262 14.46 -1.15 1.10
CA VAL A 262 14.09 0.25 0.92
C VAL A 262 15.32 1.16 0.79
N GLU A 263 16.42 0.83 1.46
CA GLU A 263 17.62 1.66 1.35
C GLU A 263 18.24 1.59 -0.03
N GLU A 264 18.26 0.40 -0.62
CA GLU A 264 18.81 0.25 -1.95
C GLU A 264 17.95 0.93 -3.01
N ILE A 265 16.63 0.88 -2.86
CA ILE A 265 15.75 1.64 -3.74
C ILE A 265 16.07 3.14 -3.66
N LEU A 266 16.13 3.69 -2.45
CA LEU A 266 16.31 5.15 -2.29
C LEU A 266 17.69 5.62 -2.76
N GLU A 267 18.65 4.69 -2.82
CA GLU A 267 19.99 5.00 -3.34
C GLU A 267 20.03 5.14 -4.87
N ASN A 268 18.95 4.74 -5.53
CA ASN A 268 18.92 4.84 -6.98
C ASN A 268 19.12 6.27 -7.50
N PRO A 269 19.95 6.43 -8.55
CA PRO A 269 20.27 7.74 -9.12
C PRO A 269 19.06 8.51 -9.65
N LEU A 270 18.00 7.80 -10.01
CA LEU A 270 16.77 8.47 -10.47
C LEU A 270 16.08 9.32 -9.42
N ILE A 271 16.25 8.94 -8.16
CA ILE A 271 15.48 9.54 -7.08
C ILE A 271 16.16 10.81 -6.57
N LEU A 272 15.47 11.93 -6.72
CA LEU A 272 16.06 13.23 -6.43
C LEU A 272 15.26 13.94 -5.32
N GLU A 273 15.77 15.06 -4.82
CA GLU A 273 15.10 15.77 -3.71
C GLU A 273 13.63 16.08 -4.03
N HIS A 274 13.35 16.60 -5.22
CA HIS A 274 12.00 17.07 -5.51
C HIS A 274 10.97 15.93 -5.65
N HIS A 275 11.44 14.69 -5.77
CA HIS A 275 10.55 13.54 -5.77
C HIS A 275 9.97 13.27 -4.36
N HIS A 276 10.55 13.89 -3.34
CA HIS A 276 10.13 13.63 -1.94
C HIS A 276 8.84 14.36 -1.51
N HIS A 277 8.45 15.42 -2.21
CA HIS A 277 7.18 16.11 -1.90
C HIS A 277 6.81 17.08 -3.01
N HIS A 278 5.55 17.02 -3.44
CA HIS A 278 5.02 17.90 -4.48
C HIS A 278 4.02 18.90 -3.90
C4 7GJ B . -8.86 7.97 3.46
C5 7GJ B . -9.30 6.65 3.38
C6 7GJ B . -10.17 6.29 2.35
C8 7GJ B . -7.99 6.81 5.12
N1 7GJ B . -10.55 7.24 1.45
N2 7GJ B . -10.48 9.51 0.62
N3 7GJ B . -9.30 8.85 2.51
CAL 7GJ B . -11.57 2.41 2.05
CAJ 7GJ B . -12.37 0.99 2.06
CAI 7GJ B . -12.53 0.43 0.59
CAK 7GJ B . -13.36 1.41 -0.24
CAM 7GJ B . -12.78 2.94 -0.20
CBB 7GJ B . -12.32 3.47 1.24
CAN 7GJ B . -11.45 4.68 1.03
O6 7GJ B . -10.62 4.93 2.26
N7 7GJ B . -8.74 5.96 4.43
N9 7GJ B . -8.04 8.01 4.55
C2 7GJ B . -10.10 8.49 1.55
CAV 7GJ B . -11.25 9.35 -0.60
CAH 7GJ B . -11.77 8.12 -1.02
CAE 7GJ B . -11.45 10.50 -1.38
CAD 7GJ B . -12.19 10.42 -2.57
CAF 7GJ B . -12.71 9.18 -2.99
CAW 7GJ B . -12.50 8.04 -2.22
CAU 7GJ B . -13.10 6.70 -2.71
OAC 7GJ B . -14.31 6.67 -2.90
NBC 7GJ B . -12.33 5.50 -2.96
CAB 7GJ B . -13.01 4.31 -3.43
CAA 7GJ B . -10.90 5.45 -2.78
C1 PEG C . -18.45 7.14 -1.91
O1 PEG C . -19.75 7.48 -1.48
C2 PEG C . -17.84 8.34 -2.70
O2 PEG C . -16.43 8.43 -2.42
C3 PEG C . -16.00 9.74 -2.11
C4 PEG C . -15.42 9.73 -0.71
O4 PEG C . -15.05 11.04 -0.34
C1 PEG D . 0.51 -4.67 10.35
O1 PEG D . 0.28 -4.60 8.95
C2 PEG D . 1.31 -5.95 10.73
O2 PEG D . 2.63 -5.59 11.19
C3 PEG D . 3.64 -6.51 10.82
C4 PEG D . 4.58 -6.70 11.98
O4 PEG D . 5.60 -7.62 11.63
C1 EDO E . -7.81 0.26 8.85
O1 EDO E . -7.24 1.35 8.12
C2 EDO E . -7.22 -1.07 8.34
O2 EDO E . -5.85 -1.16 8.74
C1 EDO F . -6.90 -4.65 6.40
O1 EDO F . -6.88 -5.91 7.07
C2 EDO F . -6.38 -4.85 4.98
O2 EDO F . -6.10 -3.58 4.38
C1 EDO G . 17.43 -6.47 -12.11
O1 EDO G . 16.30 -5.95 -12.84
C2 EDO G . 17.17 -7.92 -11.70
O2 EDO G . 18.16 -8.31 -10.74
C1 EDO H . 2.42 -3.49 -21.37
O1 EDO H . 3.11 -2.36 -21.89
C2 EDO H . 3.37 -4.27 -20.46
O2 EDO H . 4.35 -3.40 -19.87
C1 EDO I . 19.17 -5.82 -4.85
O1 EDO I . 19.88 -4.57 -4.92
C2 EDO I . 20.06 -6.90 -4.24
O2 EDO I . 20.13 -6.71 -2.83
C1 EDO J . 10.73 -16.94 -2.18
O1 EDO J . 10.53 -16.54 -0.81
C2 EDO J . 12.18 -17.36 -2.37
O2 EDO J . 13.05 -16.26 -2.11
P PO4 K . -2.30 3.32 -23.19
O1 PO4 K . -1.84 2.20 -22.29
O2 PO4 K . -1.92 4.66 -22.61
O3 PO4 K . -1.69 3.18 -24.57
O4 PO4 K . -3.81 3.21 -23.28
P PO4 L . 7.69 10.91 -19.65
O1 PO4 L . 9.18 11.07 -19.84
O2 PO4 L . 7.44 9.84 -18.64
O3 PO4 L . 7.05 10.54 -20.97
O4 PO4 L . 7.10 12.22 -19.18
P PO4 M . 2.48 -7.98 -18.75
O1 PO4 M . 3.75 -8.74 -18.56
O2 PO4 M . 1.37 -8.64 -17.97
O3 PO4 M . 2.12 -8.04 -20.22
O4 PO4 M . 2.61 -6.54 -18.34
P PO4 N . 5.98 -2.50 -24.06
O1 PO4 N . 7.19 -2.69 -23.17
O2 PO4 N . 6.33 -3.10 -25.39
O3 PO4 N . 5.67 -1.03 -24.20
O4 PO4 N . 4.75 -3.17 -23.49
#